data_3NZC
#
_entry.id   3NZC
#
_cell.length_a   36.859
_cell.length_b   42.667
_cell.length_c   59.936
_cell.angle_alpha   90.00
_cell.angle_beta   94.77
_cell.angle_gamma   90.00
#
_symmetry.space_group_name_H-M   'P 1 21 1'
#
loop_
_entity.id
_entity.type
_entity.pdbx_description
1 polymer 'Dihydrofolate reductase'
2 non-polymer 6-[2-methoxy-5-(2-phenylethoxy)benzyl]-5-methylpyrido[2,3-d]pyrimidine-2,4-diamine
3 non-polymer 'PHOSPHATE ION'
4 non-polymer GLYCEROL
5 water water
#
_entity_poly.entity_id   1
_entity_poly.type   'polypeptide(L)'
_entity_poly.pdbx_seq_one_letter_code
;MNQQKSLTLIVALTTSYGIGRSNSLPWKLKKEISYFKRVTSFVPTFDSFESMNVVLMGRKTWESIPLQFRPLKGRINVVI
TRNESLDLGNGIHSAKSLDHALELLYRTYGSESSVQINRIFVIGGAQLYKAAMDHPKLDRIMATIIYKDIHCDVFFPLKF
RDKEWSSVWKKEKHSDLESWVGTKVPHGKINEDGFDYEFEMWTRDL
;
_entity_poly.pdbx_strand_id   X
#
# COMPACT_ATOMS: atom_id res chain seq x y z
N MET A 1 15.86 1.14 18.26
CA MET A 1 14.48 1.22 17.68
C MET A 1 14.48 2.14 16.45
N ASN A 2 13.57 1.81 15.53
CA ASN A 2 13.20 2.56 14.29
C ASN A 2 12.75 1.54 13.23
N GLN A 3 13.31 0.32 13.30
CA GLN A 3 12.93 -0.76 12.39
C GLN A 3 12.36 -1.97 13.15
N GLN A 4 11.32 -1.72 13.92
CA GLN A 4 10.64 -2.83 14.57
C GLN A 4 9.70 -3.59 13.59
N LYS A 5 9.28 -3.08 12.74
CA LYS A 5 8.09 -3.60 12.06
C LYS A 5 8.44 -3.68 10.56
N SER A 6 7.91 -4.68 9.90
CA SER A 6 8.10 -4.67 8.43
C SER A 6 7.07 -3.77 7.71
N LEU A 7 7.32 -3.49 6.43
CA LEU A 7 6.44 -2.68 5.60
C LEU A 7 5.76 -3.68 4.66
N THR A 8 4.55 -3.30 4.23
CA THR A 8 3.70 -4.01 3.26
C THR A 8 3.36 -2.98 2.16
N LEU A 9 3.55 -3.38 0.92
CA LEU A 9 3.23 -2.50 -0.22
C LEU A 9 1.89 -2.97 -0.78
N ILE A 10 0.96 -2.06 -1.09
CA ILE A 10 -0.28 -2.51 -1.74
C ILE A 10 -0.39 -1.74 -3.07
N VAL A 11 -0.82 -2.44 -4.11
CA VAL A 11 -0.68 -1.95 -5.51
C VAL A 11 -1.68 -2.71 -6.38
N ALA A 12 -2.23 -2.05 -7.42
CA ALA A 12 -3.05 -2.69 -8.44
C ALA A 12 -2.30 -2.43 -9.70
N LEU A 13 -2.09 -3.45 -10.51
CA LEU A 13 -1.18 -3.33 -11.61
C LEU A 13 -1.58 -4.29 -12.72
N THR A 14 -1.15 -3.96 -13.95
CA THR A 14 -1.50 -4.79 -15.08
C THR A 14 -0.44 -5.84 -15.21
N THR A 15 -0.70 -6.88 -16.03
CA THR A 15 0.30 -7.92 -16.34
C THR A 15 1.53 -7.33 -16.98
N SER A 16 1.44 -6.09 -17.52
CA SER A 16 2.62 -5.34 -17.91
C SER A 16 3.24 -4.46 -16.85
N TYR A 17 2.78 -4.58 -15.59
CA TYR A 17 3.28 -3.74 -14.47
C TYR A 17 2.80 -2.29 -14.60
N GLY A 18 1.75 -2.08 -15.39
CA GLY A 18 1.15 -0.72 -15.48
C GLY A 18 0.45 -0.38 -14.17
N ILE A 19 0.73 0.81 -13.59
CA ILE A 19 0.03 1.24 -12.37
C ILE A 19 -0.73 2.58 -12.47
N GLY A 20 -0.56 3.30 -13.58
CA GLY A 20 -1.20 4.61 -13.66
C GLY A 20 -1.04 5.22 -15.06
N ARG A 21 -1.82 6.29 -15.29
CA ARG A 21 -1.75 7.07 -16.51
C ARG A 21 -1.47 8.52 -16.08
N SER A 22 -2.49 9.35 -15.99
CA SER A 22 -2.26 10.81 -15.97
C SER A 22 -2.10 11.51 -14.61
N ASN A 23 -1.82 10.75 -13.54
CA ASN A 23 -2.16 11.14 -12.15
C ASN A 23 -3.56 10.60 -11.82
N SER A 24 -3.95 9.54 -12.55
CA SER A 24 -5.10 8.69 -12.16
C SER A 24 -4.82 7.18 -12.43
N LEU A 25 -5.84 6.34 -12.27
CA LEU A 25 -5.75 4.90 -12.59
C LEU A 25 -6.64 4.66 -13.80
N PRO A 26 -6.08 4.09 -14.89
CA PRO A 26 -6.91 3.95 -16.08
C PRO A 26 -7.87 2.74 -15.99
N TRP A 27 -8.50 2.61 -14.82
CA TRP A 27 -9.61 1.72 -14.52
C TRP A 27 -10.35 2.41 -13.37
N LYS A 28 -11.61 2.03 -13.18
CA LYS A 28 -12.40 2.47 -12.06
C LYS A 28 -13.04 1.18 -11.63
N LEU A 29 -12.54 0.64 -10.53
CA LEU A 29 -12.96 -0.65 -10.00
C LEU A 29 -13.43 -0.46 -8.55
N LYS A 30 -14.73 -0.31 -8.35
CA LYS A 30 -15.18 0.05 -7.03
C LYS A 30 -15.01 -1.08 -5.98
N LYS A 31 -15.08 -2.36 -6.39
CA LYS A 31 -14.74 -3.45 -5.47
C LYS A 31 -13.24 -3.60 -5.20
N GLU A 32 -12.42 -3.21 -6.17
CA GLU A 32 -10.99 -3.21 -5.93
C GLU A 32 -10.76 -2.17 -4.82
N ILE A 33 -11.18 -0.92 -5.06
CA ILE A 33 -11.00 0.19 -4.06
C ILE A 33 -11.43 -0.26 -2.66
N SER A 34 -12.51 -1.02 -2.63
CA SER A 34 -13.06 -1.47 -1.37
C SER A 34 -12.20 -2.58 -0.72
N TYR A 35 -11.54 -3.41 -1.52
CA TYR A 35 -10.52 -4.31 -0.97
C TYR A 35 -9.36 -3.46 -0.37
N PHE A 36 -8.93 -2.47 -1.11
CA PHE A 36 -7.82 -1.61 -0.68
C PHE A 36 -8.23 -1.04 0.68
N LYS A 37 -9.43 -0.46 0.76
CA LYS A 37 -9.87 0.14 2.07
C LYS A 37 -9.85 -0.93 3.18
N ARG A 38 -10.43 -2.10 2.95
CA ARG A 38 -10.44 -3.14 3.96
C ARG A 38 -9.03 -3.61 4.37
N VAL A 39 -8.15 -3.80 3.38
CA VAL A 39 -6.81 -4.29 3.73
C VAL A 39 -6.06 -3.24 4.55
N THR A 40 -6.09 -2.00 4.10
CA THR A 40 -5.23 -0.98 4.71
C THR A 40 -5.83 -0.56 6.03
N SER A 41 -7.10 -0.97 6.27
CA SER A 41 -7.89 -0.54 7.44
C SER A 41 -7.93 -1.57 8.54
N PHE A 42 -7.87 -2.85 8.20
CA PHE A 42 -8.05 -3.97 9.14
C PHE A 42 -6.97 -4.09 10.26
N VAL A 43 -7.47 -4.13 11.50
CA VAL A 43 -6.65 -4.32 12.66
C VAL A 43 -7.14 -5.54 13.48
N PRO A 44 -6.30 -6.58 13.72
CA PRO A 44 -6.75 -7.61 14.71
C PRO A 44 -7.33 -7.06 16.07
N THR A 45 -8.30 -7.81 16.60
CA THR A 45 -9.40 -7.23 17.44
C THR A 45 -9.08 -6.70 18.87
N PHE A 46 -8.44 -7.51 19.72
CA PHE A 46 -8.06 -7.05 21.08
C PHE A 46 -7.28 -5.72 20.97
N ASP A 47 -6.62 -5.58 19.82
CA ASP A 47 -5.75 -4.44 19.52
C ASP A 47 -6.55 -3.14 19.22
N SER A 48 -7.77 -3.26 18.66
CA SER A 48 -8.43 -2.11 17.93
C SER A 48 -9.04 -0.97 18.75
N PHE A 49 -8.70 -0.91 20.03
CA PHE A 49 -8.92 0.29 20.84
C PHE A 49 -7.73 1.22 20.62
N GLU A 50 -6.55 0.69 20.88
CA GLU A 50 -5.33 1.45 20.65
C GLU A 50 -5.02 1.66 19.11
N SER A 51 -5.09 0.57 18.35
CA SER A 51 -4.40 0.43 17.07
C SER A 51 -4.94 1.12 15.83
N MET A 52 -4.04 1.75 15.08
CA MET A 52 -4.34 2.20 13.73
C MET A 52 -3.20 1.76 12.79
N ASN A 53 -3.57 1.48 11.55
CA ASN A 53 -2.59 1.21 10.48
C ASN A 53 -2.18 2.54 9.91
N VAL A 54 -1.02 2.54 9.26
CA VAL A 54 -0.44 3.68 8.63
C VAL A 54 -0.47 3.45 7.12
N VAL A 55 -0.80 4.52 6.40
CA VAL A 55 -0.62 4.56 4.94
C VAL A 55 0.39 5.63 4.58
N LEU A 56 1.43 5.18 3.89
CA LEU A 56 2.49 6.04 3.37
C LEU A 56 2.25 6.21 1.89
N MET A 57 2.39 7.43 1.40
CA MET A 57 2.20 7.66 -0.02
C MET A 57 2.98 8.87 -0.48
N GLY A 58 3.27 8.92 -1.79
CA GLY A 58 3.97 10.05 -2.37
C GLY A 58 3.01 11.21 -2.64
N ARG A 59 3.60 12.39 -2.88
CA ARG A 59 2.82 13.61 -3.02
C ARG A 59 1.76 13.45 -4.13
N LYS A 60 2.18 12.92 -5.29
CA LYS A 60 1.27 12.82 -6.45
C LYS A 60 0.17 11.78 -6.25
N THR A 61 0.37 10.83 -5.33
CA THR A 61 -0.71 9.91 -5.01
C THR A 61 -1.68 10.65 -4.13
N TRP A 62 -1.13 11.45 -3.22
CA TRP A 62 -1.96 12.27 -2.32
C TRP A 62 -2.83 13.20 -3.19
N GLU A 63 -2.19 13.81 -4.19
CA GLU A 63 -2.85 14.73 -5.14
C GLU A 63 -3.89 13.96 -5.95
N SER A 64 -3.47 12.87 -6.57
CA SER A 64 -4.38 11.91 -7.23
C SER A 64 -5.69 11.50 -6.48
N ILE A 65 -5.71 11.48 -5.16
CA ILE A 65 -6.92 11.02 -4.43
C ILE A 65 -8.00 12.13 -4.35
N PRO A 66 -9.25 11.83 -4.78
CA PRO A 66 -10.27 12.89 -4.81
C PRO A 66 -10.36 13.49 -3.42
N LEU A 67 -10.23 14.82 -3.36
CA LEU A 67 -10.24 15.58 -2.10
C LEU A 67 -11.22 15.06 -1.02
N GLN A 68 -12.39 14.57 -1.43
CA GLN A 68 -13.37 14.10 -0.45
C GLN A 68 -12.95 12.86 0.34
N PHE A 69 -11.88 12.20 -0.11
CA PHE A 69 -11.41 10.95 0.50
C PHE A 69 -10.10 11.07 1.31
N ARG A 70 -9.53 12.29 1.32
CA ARG A 70 -8.28 12.61 2.01
C ARG A 70 -8.59 13.35 3.30
N PRO A 71 -7.89 13.00 4.40
CA PRO A 71 -6.97 11.88 4.51
C PRO A 71 -7.78 10.60 4.52
N LEU A 72 -7.12 9.47 4.26
CA LEU A 72 -7.82 8.19 4.21
C LEU A 72 -8.19 7.89 5.62
N LYS A 73 -9.49 7.67 5.84
CA LYS A 73 -10.08 7.61 7.19
C LYS A 73 -9.78 6.35 7.94
N GLY A 74 -9.60 6.53 9.23
CA GLY A 74 -9.36 5.42 10.12
C GLY A 74 -7.94 4.91 9.96
N ARG A 75 -7.11 5.63 9.20
CA ARG A 75 -5.66 5.31 9.05
C ARG A 75 -4.78 6.51 9.29
N ILE A 76 -3.55 6.27 9.71
CA ILE A 76 -2.66 7.41 9.87
C ILE A 76 -1.95 7.69 8.54
N ASN A 77 -2.18 8.88 7.95
CA ASN A 77 -1.66 9.20 6.62
C ASN A 77 -0.33 9.91 6.75
N VAL A 78 0.63 9.59 5.92
CA VAL A 78 1.87 10.35 5.94
C VAL A 78 2.19 10.50 4.49
N VAL A 79 2.38 11.74 4.04
CA VAL A 79 2.83 11.98 2.69
C VAL A 79 4.39 12.23 2.62
N ILE A 80 5.07 11.45 1.78
CA ILE A 80 6.51 11.44 1.59
C ILE A 80 6.87 12.36 0.40
N THR A 81 7.62 13.44 0.69
CA THR A 81 7.90 14.51 -0.30
C THR A 81 9.26 15.17 0.06
N ARG A 82 10.20 15.07 -0.88
CA ARG A 82 11.55 15.63 -0.74
C ARG A 82 11.54 17.17 -0.72
N ASN A 83 10.55 17.83 -0.45
CA ASN A 83 10.44 19.26 -0.46
C ASN A 83 9.42 19.72 0.56
N GLU A 84 9.73 19.62 1.84
CA GLU A 84 8.73 19.84 2.89
C GLU A 84 7.87 21.06 2.51
N SER A 85 6.73 20.75 1.88
CA SER A 85 5.98 21.68 0.98
C SER A 85 5.57 23.08 1.50
N LEU A 86 4.30 23.26 1.92
CA LEU A 86 3.36 22.19 2.27
C LEU A 86 1.94 22.15 1.63
N ASP A 87 1.01 21.61 2.44
CA ASP A 87 -0.33 21.31 1.99
C ASP A 87 -1.20 20.81 3.13
N LEU A 88 -0.58 20.54 4.29
CA LEU A 88 -1.26 19.94 5.48
C LEU A 88 -2.28 18.83 5.12
N GLY A 89 -3.56 19.06 5.43
CA GLY A 89 -4.02 20.11 6.34
C GLY A 89 -4.62 19.43 7.56
N ASN A 90 -5.75 18.73 7.36
CA ASN A 90 -6.50 18.03 8.42
C ASN A 90 -5.66 17.08 9.29
N GLY A 91 -4.89 17.66 10.21
CA GLY A 91 -4.04 16.88 11.12
C GLY A 91 -2.70 16.33 10.62
N ILE A 92 -2.41 16.42 9.31
CA ILE A 92 -1.55 15.37 8.65
C ILE A 92 -0.11 15.57 8.10
N HIS A 93 0.63 15.19 7.98
CA HIS A 93 1.91 14.49 8.26
C HIS A 93 2.75 14.31 7.03
N SER A 94 3.94 14.85 7.06
CA SER A 94 4.85 14.85 5.96
C SER A 94 6.23 14.36 6.40
N ALA A 95 6.99 13.72 5.52
CA ALA A 95 8.42 13.40 5.79
C ALA A 95 9.17 13.30 4.48
N LYS A 96 10.50 13.43 4.54
CA LYS A 96 11.22 13.61 3.30
C LYS A 96 11.65 12.26 2.74
N SER A 97 11.45 11.19 3.54
CA SER A 97 11.74 9.86 3.04
C SER A 97 10.96 8.85 3.84
N LEU A 98 11.03 7.62 3.36
CA LEU A 98 10.46 6.48 3.99
C LEU A 98 11.04 6.36 5.38
N ASP A 99 12.38 6.44 5.54
CA ASP A 99 12.91 6.31 6.88
C ASP A 99 12.63 7.51 7.77
N HIS A 100 12.63 8.72 7.23
CA HIS A 100 12.16 9.85 8.04
C HIS A 100 10.72 9.71 8.45
N ALA A 101 9.88 9.17 7.58
CA ALA A 101 8.47 8.89 7.95
C ALA A 101 8.35 7.92 9.13
N LEU A 102 9.16 6.87 9.11
CA LEU A 102 9.11 5.84 10.14
C LEU A 102 9.56 6.38 11.49
N GLU A 103 10.61 7.22 11.43
CA GLU A 103 11.14 7.94 12.61
C GLU A 103 10.06 8.88 13.14
N LEU A 104 9.42 9.65 12.25
CA LEU A 104 8.36 10.54 12.71
C LEU A 104 7.26 9.72 13.39
N LEU A 105 6.86 8.63 12.76
CA LEU A 105 5.78 7.78 13.31
C LEU A 105 6.19 7.26 14.67
N TYR A 106 7.39 6.70 14.80
CA TYR A 106 7.82 6.16 16.10
C TYR A 106 7.93 7.18 17.26
N ARG A 107 8.41 8.38 16.91
CA ARG A 107 8.42 9.53 17.81
C ARG A 107 7.00 9.89 18.19
N THR A 108 6.13 10.07 17.20
CA THR A 108 4.75 10.52 17.44
C THR A 108 3.81 9.53 18.12
N TYR A 109 3.94 8.24 17.78
CA TYR A 109 2.99 7.20 18.19
C TYR A 109 3.59 6.19 19.14
N GLY A 110 4.26 6.69 20.17
CA GLY A 110 5.02 5.88 21.14
C GLY A 110 4.19 5.04 22.10
N SER A 111 4.89 4.30 22.94
CA SER A 111 4.24 3.42 23.94
C SER A 111 3.27 4.24 24.81
N GLU A 112 3.70 5.48 25.15
CA GLU A 112 2.92 6.47 25.94
C GLU A 112 1.60 6.83 25.28
N SER A 113 1.66 7.04 23.96
CA SER A 113 0.59 7.54 23.07
C SER A 113 -0.73 6.76 23.16
N SER A 114 -1.84 7.49 23.01
CA SER A 114 -3.18 6.90 22.96
C SER A 114 -3.44 6.08 21.67
N VAL A 115 -2.91 6.59 20.56
CA VAL A 115 -2.94 5.87 19.28
C VAL A 115 -1.62 5.10 19.20
N GLN A 116 -1.67 3.85 18.76
CA GLN A 116 -0.53 2.99 18.59
C GLN A 116 -0.53 2.57 17.11
N ILE A 117 0.63 2.27 16.55
CA ILE A 117 0.67 1.86 15.12
C ILE A 117 0.46 0.34 14.97
N ASN A 118 -0.45 -0.10 14.11
CA ASN A 118 -0.51 -1.57 13.84
C ASN A 118 0.40 -2.01 12.69
N ARG A 119 -0.13 -1.99 11.45
CA ARG A 119 0.64 -2.36 10.25
C ARG A 119 0.92 -1.08 9.45
N ILE A 120 2.00 -1.06 8.67
CA ILE A 120 2.38 0.14 7.91
C ILE A 120 2.33 -0.23 6.44
N PHE A 121 1.54 0.50 5.64
CA PHE A 121 1.38 0.17 4.23
C PHE A 121 2.01 1.29 3.37
N VAL A 122 2.76 0.94 2.30
CA VAL A 122 3.14 1.89 1.24
C VAL A 122 2.08 1.76 0.13
N ILE A 123 1.44 2.87 -0.19
CA ILE A 123 0.25 2.78 -1.10
C ILE A 123 0.58 3.45 -2.43
N GLY A 124 1.79 3.91 -2.57
CA GLY A 124 2.19 4.27 -3.91
C GLY A 124 2.65 5.68 -4.02
N GLY A 125 2.59 6.12 -5.27
CA GLY A 125 3.66 6.54 -6.13
C GLY A 125 4.62 5.49 -6.67
N ALA A 126 4.94 5.50 -7.98
CA ALA A 126 6.05 4.71 -8.54
C ALA A 126 7.35 5.00 -7.81
N GLN A 127 7.60 6.27 -7.56
CA GLN A 127 8.82 6.63 -6.87
C GLN A 127 8.89 6.07 -5.44
N LEU A 128 7.78 6.11 -4.72
CA LEU A 128 7.80 5.55 -3.33
C LEU A 128 7.77 4.03 -3.33
N TYR A 129 7.11 3.46 -4.30
CA TYR A 129 7.24 2.02 -4.52
C TYR A 129 8.70 1.61 -4.73
N LYS A 130 9.46 2.42 -5.51
CA LYS A 130 10.85 2.07 -5.78
C LYS A 130 11.66 2.14 -4.48
N ALA A 131 11.46 3.21 -3.71
CA ALA A 131 12.07 3.33 -2.35
C ALA A 131 11.69 2.13 -1.46
N ALA A 132 10.42 1.74 -1.49
CA ALA A 132 9.94 0.63 -0.62
C ALA A 132 10.58 -0.71 -1.04
N MET A 133 10.65 -0.95 -2.35
CA MET A 133 11.30 -2.13 -2.92
C MET A 133 12.80 -2.24 -2.53
N ASP A 134 13.45 -1.09 -2.32
CA ASP A 134 14.88 -1.00 -1.93
C ASP A 134 14.99 -1.11 -0.40
N HIS A 135 13.89 -1.04 0.34
CA HIS A 135 13.97 -0.96 1.81
C HIS A 135 14.08 -2.34 2.41
N PRO A 136 15.00 -2.48 3.39
CA PRO A 136 15.21 -3.83 3.93
C PRO A 136 14.08 -4.35 4.82
N LYS A 137 13.07 -3.54 5.15
CA LYS A 137 11.94 -4.00 5.95
C LYS A 137 10.71 -4.33 5.14
N LEU A 138 10.73 -4.07 3.83
CA LEU A 138 9.56 -4.45 3.02
C LEU A 138 9.57 -5.95 2.81
N ASP A 139 8.51 -6.65 3.19
CA ASP A 139 8.54 -8.11 2.98
C ASP A 139 7.32 -8.68 2.38
N ARG A 140 6.44 -7.80 1.95
CA ARG A 140 5.10 -8.22 1.61
C ARG A 140 4.50 -7.30 0.57
N ILE A 141 3.92 -7.91 -0.47
CA ILE A 141 3.26 -7.13 -1.55
C ILE A 141 1.84 -7.65 -1.66
N MET A 142 0.86 -6.79 -1.39
CA MET A 142 -0.55 -7.15 -1.62
C MET A 142 -0.86 -6.66 -3.07
N ALA A 143 -0.93 -7.56 -4.07
CA ALA A 143 -1.03 -7.08 -5.48
C ALA A 143 -2.36 -7.46 -5.99
N THR A 144 -3.01 -6.53 -6.65
CA THR A 144 -4.17 -6.86 -7.48
C THR A 144 -3.79 -6.90 -8.90
N ILE A 145 -3.96 -8.05 -9.54
CA ILE A 145 -3.35 -8.20 -10.86
C ILE A 145 -4.50 -7.98 -11.80
N ILE A 146 -4.31 -7.09 -12.76
CA ILE A 146 -5.41 -6.71 -13.71
C ILE A 146 -5.05 -7.34 -15.06
N TYR A 147 -5.85 -8.28 -15.51
CA TYR A 147 -5.47 -9.07 -16.69
C TYR A 147 -5.82 -8.35 -17.98
N LYS A 148 -5.20 -7.22 -18.21
CA LYS A 148 -5.47 -6.49 -19.46
C LYS A 148 -4.35 -5.52 -19.51
N ASP A 149 -3.67 -5.43 -20.63
CA ASP A 149 -2.57 -4.50 -20.77
C ASP A 149 -3.13 -3.08 -21.16
N ILE A 150 -3.89 -2.51 -20.24
CA ILE A 150 -4.47 -1.15 -20.26
C ILE A 150 -3.31 -0.15 -20.45
N HIS A 151 -3.45 0.82 -21.36
CA HIS A 151 -2.35 1.77 -21.58
C HIS A 151 -2.04 2.52 -20.31
N CYS A 152 -0.76 2.54 -19.95
CA CYS A 152 -0.36 3.21 -18.74
C CYS A 152 0.87 4.01 -19.08
N ASP A 153 1.20 5.06 -18.35
CA ASP A 153 2.54 5.60 -18.59
C ASP A 153 3.38 5.69 -17.31
N VAL A 154 2.91 5.04 -16.23
CA VAL A 154 3.71 4.94 -14.99
C VAL A 154 3.73 3.45 -14.63
N PHE A 155 4.86 2.96 -14.20
CA PHE A 155 5.07 1.50 -14.13
C PHE A 155 5.60 1.11 -12.74
N PHE A 156 5.18 -0.05 -12.25
CA PHE A 156 5.80 -0.57 -11.01
C PHE A 156 7.26 -0.85 -11.22
N PRO A 157 8.14 -0.45 -10.26
CA PRO A 157 9.55 -0.47 -10.70
C PRO A 157 10.30 -1.80 -10.73
N LEU A 158 9.68 -2.92 -10.39
CA LEU A 158 10.46 -4.16 -10.29
C LEU A 158 9.53 -5.32 -10.62
N LYS A 159 9.93 -6.19 -11.55
CA LYS A 159 9.01 -7.19 -12.06
C LYS A 159 8.92 -8.42 -11.13
N PHE A 160 8.25 -8.20 -9.99
CA PHE A 160 8.38 -9.15 -8.83
C PHE A 160 7.69 -10.47 -9.18
N ARG A 161 6.80 -10.48 -10.18
CA ARG A 161 6.02 -11.64 -10.54
C ARG A 161 6.75 -12.48 -11.58
N ASP A 162 7.87 -11.92 -12.11
CA ASP A 162 8.64 -12.51 -13.25
C ASP A 162 9.67 -13.55 -12.75
N LYS A 163 10.09 -14.41 -13.69
CA LYS A 163 11.09 -15.49 -13.40
C LYS A 163 12.33 -14.96 -12.75
N GLU A 164 12.89 -13.84 -13.22
CA GLU A 164 14.12 -13.33 -12.69
C GLU A 164 14.06 -13.04 -11.15
N TRP A 165 12.84 -12.85 -10.58
CA TRP A 165 12.72 -12.45 -9.18
C TRP A 165 12.11 -13.55 -8.32
N SER A 166 11.96 -14.71 -8.93
CA SER A 166 11.10 -15.74 -8.38
C SER A 166 11.81 -16.56 -7.26
N SER A 167 13.12 -16.39 -7.09
CA SER A 167 13.72 -17.06 -5.91
C SER A 167 13.56 -16.09 -4.74
N VAL A 168 13.30 -14.80 -5.03
CA VAL A 168 13.15 -13.80 -3.93
C VAL A 168 11.68 -13.60 -3.50
N TRP A 169 10.79 -13.40 -4.47
CA TRP A 169 9.40 -13.14 -4.18
C TRP A 169 8.56 -14.39 -4.54
N LYS A 170 7.76 -14.82 -3.56
CA LYS A 170 6.96 -16.02 -3.64
C LYS A 170 5.55 -15.61 -3.47
N LYS A 171 4.65 -16.20 -4.24
CA LYS A 171 3.23 -15.93 -4.13
C LYS A 171 2.65 -16.88 -3.11
N GLU A 172 1.88 -16.33 -2.18
CA GLU A 172 1.33 -17.14 -1.11
C GLU A 172 -0.03 -17.74 -1.47
N LYS A 173 -0.38 -18.86 -0.81
CA LYS A 173 -1.69 -19.51 -0.90
C LYS A 173 -2.76 -18.54 -0.54
N HIS A 174 -3.94 -18.72 -1.11
CA HIS A 174 -5.08 -17.79 -0.84
C HIS A 174 -5.63 -17.85 0.62
N SER A 175 -5.66 -19.06 1.19
CA SER A 175 -5.97 -19.16 2.61
C SER A 175 -5.02 -18.27 3.44
N ASP A 176 -3.73 -18.20 3.08
CA ASP A 176 -2.82 -17.34 3.83
C ASP A 176 -3.04 -15.85 3.62
N LEU A 177 -3.42 -15.50 2.41
CA LEU A 177 -3.88 -14.15 2.09
C LEU A 177 -5.12 -13.82 2.98
N GLU A 178 -6.15 -14.66 2.95
CA GLU A 178 -7.37 -14.42 3.77
C GLU A 178 -7.00 -14.33 5.25
N SER A 179 -6.10 -15.19 5.72
CA SER A 179 -5.63 -15.11 7.08
C SER A 179 -5.04 -13.72 7.38
N TRP A 180 -4.01 -13.35 6.61
CA TRP A 180 -3.32 -12.08 6.84
C TRP A 180 -4.30 -10.93 6.90
N VAL A 181 -5.21 -10.87 5.96
CA VAL A 181 -6.19 -9.81 5.86
C VAL A 181 -7.41 -10.05 6.77
N GLY A 182 -7.46 -11.17 7.47
CA GLY A 182 -8.59 -11.47 8.36
C GLY A 182 -10.03 -11.37 7.84
N THR A 183 -10.32 -11.72 6.57
CA THR A 183 -11.67 -12.10 6.10
C THR A 183 -11.60 -12.94 4.87
N LYS A 184 -12.77 -13.45 4.47
CA LYS A 184 -12.96 -14.04 3.15
C LYS A 184 -12.61 -13.03 2.05
N VAL A 185 -11.85 -13.48 1.06
CA VAL A 185 -11.47 -12.61 -0.07
C VAL A 185 -11.85 -13.42 -1.27
N PRO A 186 -12.41 -12.79 -2.29
CA PRO A 186 -12.79 -13.63 -3.42
C PRO A 186 -11.55 -14.30 -4.04
N HIS A 187 -11.68 -15.59 -4.36
CA HIS A 187 -10.61 -16.33 -4.99
C HIS A 187 -10.79 -16.39 -6.50
N GLY A 188 -9.71 -16.45 -7.25
CA GLY A 188 -9.78 -16.45 -8.72
C GLY A 188 -10.20 -15.10 -9.28
N LYS A 189 -10.53 -15.10 -10.57
CA LYS A 189 -10.72 -13.89 -11.34
C LYS A 189 -12.04 -13.20 -10.98
N ILE A 190 -12.01 -11.88 -10.95
CA ILE A 190 -13.18 -11.04 -10.66
C ILE A 190 -13.38 -10.19 -11.92
N ASN A 191 -14.62 -10.00 -12.35
CA ASN A 191 -14.84 -9.11 -13.50
C ASN A 191 -15.65 -7.88 -13.12
N GLU A 192 -15.01 -6.71 -13.11
CA GLU A 192 -15.69 -5.41 -13.08
C GLU A 192 -15.40 -4.75 -14.42
N ASP A 193 -16.37 -3.99 -14.92
CA ASP A 193 -16.15 -3.18 -16.13
C ASP A 193 -15.20 -3.77 -17.18
N GLY A 194 -15.53 -4.96 -17.68
CA GLY A 194 -14.77 -5.58 -18.77
C GLY A 194 -13.32 -6.02 -18.49
N PHE A 195 -12.83 -5.80 -17.25
CA PHE A 195 -11.49 -6.31 -16.84
C PHE A 195 -11.67 -7.52 -15.90
N ASP A 196 -10.98 -8.65 -16.18
CA ASP A 196 -10.71 -9.65 -15.12
C ASP A 196 -9.51 -9.18 -14.26
N TYR A 197 -9.59 -9.41 -12.95
CA TYR A 197 -8.50 -9.13 -12.04
C TYR A 197 -8.52 -10.13 -10.87
N GLU A 198 -7.43 -10.22 -10.11
CA GLU A 198 -7.44 -11.12 -8.93
C GLU A 198 -6.46 -10.61 -7.87
N PHE A 199 -6.77 -10.93 -6.62
CA PHE A 199 -5.93 -10.52 -5.48
C PHE A 199 -4.85 -11.56 -5.22
N GLU A 200 -3.60 -11.10 -5.08
CA GLU A 200 -2.47 -11.97 -4.77
C GLU A 200 -1.74 -11.34 -3.59
N MET A 201 -1.07 -12.19 -2.82
CA MET A 201 -0.14 -11.72 -1.81
C MET A 201 1.19 -12.40 -2.03
N TRP A 202 2.26 -11.59 -2.07
CA TRP A 202 3.59 -12.08 -2.36
C TRP A 202 4.50 -11.77 -1.19
N THR A 203 5.46 -12.62 -0.88
CA THR A 203 6.37 -12.28 0.17
C THR A 203 7.77 -12.61 -0.16
N ARG A 204 8.66 -11.97 0.60
CA ARG A 204 10.04 -12.30 0.53
C ARG A 204 10.70 -12.37 1.92
N ASP A 205 11.73 -13.20 2.05
CA ASP A 205 12.40 -13.28 3.38
C ASP A 205 13.17 -12.00 3.64
N LEU A 206 13.13 -11.50 4.85
CA LEU A 206 13.98 -10.39 5.17
C LEU A 206 15.45 -10.83 5.38
#